data_5YJM
#
_entry.id   5YJM
#
_cell.length_a   75.089
_cell.length_b   75.089
_cell.length_c   49.750
_cell.angle_alpha   90.00
_cell.angle_beta   90.00
_cell.angle_gamma   90.00
#
_symmetry.space_group_name_H-M   'P 43'
#
loop_
_entity.id
_entity.type
_entity.pdbx_description
1 polymer 'human chymase'
2 non-polymer 2-acetamido-2-deoxy-beta-D-glucopyranose
3 non-polymer 'ZINC ION'
4 non-polymer '2-amino-4-((R)-1-((R,Z)-6-(5-chloro-2-methoxybenzyl)-7-oxo-3-(phenoxyimino)-1,4-diazepane-1-carboxamido)propyl)benzoic acid'
5 water water
#
_entity_poly.entity_id   1
_entity_poly.type   'polypeptide(L)'
_entity_poly.pdbx_seq_one_letter_code
;IIGGTESKPHSRPYMAYLEIVTSNGPSKFCGGFLIRRNFVLTAAHCAGRSITVTLGAHNITEEEDTWQKLEVIKQFRHPK
YNTSTLHHDIMLLKLKEKASLTLAVGTLPFPSQKNFVPPGRMCRVAGWGRTGVLKPGSDTLQEVKLRLMDPQACSHFRDF
DHNLQLCVGNPRKTKSAFKGDSGGPLLCAGVAQGIVSYGRSDAKPPAVFTRISHYRPWINQILQAN
;
_entity_poly.pdbx_strand_id   A
#
loop_
_chem_comp.id
_chem_comp.type
_chem_comp.name
_chem_comp.formula
8W3 non-polymer '2-amino-4-((R)-1-((R,Z)-6-(5-chloro-2-methoxybenzyl)-7-oxo-3-(phenoxyimino)-1,4-diazepane-1-carboxamido)propyl)benzoic acid' 'C30 H32 Cl N5 O6'
NAG D-saccharide, beta linking 2-acetamido-2-deoxy-beta-D-glucopyranose 'C8 H15 N O6'
ZN non-polymer 'ZINC ION' 'Zn 2'
#
# COMPACT_ATOMS: atom_id res chain seq x y z
N ILE A 1 9.63 -5.22 0.83
CA ILE A 1 9.20 -6.58 1.19
C ILE A 1 10.42 -7.39 1.64
N ILE A 2 10.36 -7.95 2.86
CA ILE A 2 11.35 -8.84 3.43
C ILE A 2 10.85 -10.29 3.36
N GLY A 3 11.68 -11.17 2.77
CA GLY A 3 11.52 -12.61 2.81
C GLY A 3 10.67 -13.03 1.63
N GLY A 4 10.48 -12.17 0.64
CA GLY A 4 9.57 -12.48 -0.45
C GLY A 4 10.25 -12.91 -1.70
N THR A 5 9.51 -12.91 -2.82
CA THR A 5 10.14 -13.24 -4.12
C THR A 5 9.68 -12.30 -5.19
N GLU A 6 10.41 -12.22 -6.30
CA GLU A 6 10.06 -11.27 -7.36
C GLU A 6 8.69 -11.63 -7.99
N SER A 7 7.80 -10.68 -8.16
CA SER A 7 6.52 -10.96 -8.82
C SER A 7 6.80 -11.26 -10.33
N LYS A 8 5.97 -12.09 -10.93
CA LYS A 8 5.92 -12.27 -12.39
C LYS A 8 5.57 -10.87 -12.97
N PRO A 9 6.38 -10.35 -13.93
CA PRO A 9 6.17 -8.96 -14.38
C PRO A 9 4.81 -8.69 -14.87
N HIS A 10 4.21 -7.63 -14.36
CA HIS A 10 2.87 -7.20 -14.79
C HIS A 10 1.76 -8.15 -14.27
N SER A 11 2.04 -9.01 -13.28
CA SER A 11 0.98 -9.95 -12.84
C SER A 11 0.07 -9.30 -11.81
N ARG A 12 0.42 -8.13 -11.35
CA ARG A 12 -0.46 -7.37 -10.43
C ARG A 12 -0.68 -5.96 -10.99
N PRO A 13 -1.52 -5.87 -11.96
CA PRO A 13 -1.56 -4.67 -12.78
C PRO A 13 -2.21 -3.39 -12.15
N TYR A 14 -2.77 -3.57 -10.97
CA TYR A 14 -3.35 -2.52 -10.14
C TYR A 14 -2.30 -1.84 -9.31
N MET A 15 -1.03 -2.38 -9.24
CA MET A 15 -0.04 -1.84 -8.31
C MET A 15 0.41 -0.45 -8.81
N ALA A 16 0.49 0.48 -7.90
CA ALA A 16 0.98 1.87 -8.24
C ALA A 16 2.23 2.15 -7.46
N TYR A 17 3.21 2.80 -8.11
CA TYR A 17 4.37 3.23 -7.46
C TYR A 17 4.24 4.74 -7.26
N LEU A 18 4.37 5.19 -6.03
CA LEU A 18 4.14 6.58 -5.72
C LEU A 18 5.44 7.29 -5.33
N GLU A 19 5.76 8.39 -5.98
CA GLU A 19 6.88 9.19 -5.64
C GLU A 19 6.37 10.41 -4.94
N ILE A 20 6.78 10.62 -3.72
CA ILE A 20 6.22 11.67 -2.86
C ILE A 20 7.22 12.81 -2.70
N VAL A 21 6.80 14.03 -2.99
CA VAL A 21 7.58 15.20 -2.83
C VAL A 21 7.10 15.93 -1.62
N THR A 22 8.07 16.33 -0.82
CA THR A 22 7.92 17.34 0.28
C THR A 22 8.72 18.57 0.06
N SER A 23 8.36 19.62 0.77
CA SER A 23 9.11 20.85 0.61
C SER A 23 10.51 20.84 1.24
N ASN A 24 10.69 20.08 2.31
CA ASN A 24 11.90 20.23 3.10
C ASN A 24 12.96 19.12 2.89
N GLY A 25 12.75 18.17 2.01
CA GLY A 25 13.70 17.08 1.87
C GLY A 25 13.52 16.36 0.58
N PRO A 26 14.33 15.31 0.37
CA PRO A 26 14.28 14.62 -0.92
C PRO A 26 13.09 13.73 -1.05
N SER A 27 12.85 13.24 -2.25
CA SER A 27 11.68 12.42 -2.48
CA SER A 27 11.73 12.36 -2.54
C SER A 27 11.68 11.12 -1.70
N LYS A 28 10.49 10.66 -1.40
CA LYS A 28 10.29 9.33 -0.76
C LYS A 28 9.29 8.53 -1.62
N PHE A 29 9.01 7.32 -1.21
CA PHE A 29 8.07 6.47 -2.00
C PHE A 29 7.22 5.57 -1.20
N CYS A 30 6.08 5.23 -1.77
CA CYS A 30 5.12 4.34 -1.16
C CYS A 30 4.52 3.58 -2.30
N GLY A 31 3.79 2.52 -1.97
CA GLY A 31 2.91 1.86 -2.87
C GLY A 31 1.46 2.38 -2.76
N GLY A 32 0.55 1.73 -3.46
CA GLY A 32 -0.86 2.07 -3.52
C GLY A 32 -1.46 1.18 -4.65
N PHE A 33 -2.76 1.27 -4.88
CA PHE A 33 -3.38 0.46 -5.89
C PHE A 33 -4.56 1.23 -6.49
N LEU A 34 -4.80 0.93 -7.77
CA LEU A 34 -5.84 1.59 -8.60
C LEU A 34 -7.12 0.90 -8.36
N ILE A 35 -8.08 1.60 -7.85
CA ILE A 35 -9.42 1.09 -7.64
C ILE A 35 -10.42 1.61 -8.60
N ARG A 36 -10.15 2.74 -9.23
CA ARG A 36 -10.94 3.31 -10.34
C ARG A 36 -9.89 3.81 -11.38
N ARG A 37 -10.29 4.07 -12.61
CA ARG A 37 -9.33 4.53 -13.64
C ARG A 37 -8.69 5.86 -13.22
N ASN A 38 -9.34 6.63 -12.34
CA ASN A 38 -8.76 7.85 -11.83
C ASN A 38 -8.51 8.01 -10.36
N PHE A 39 -8.54 6.89 -9.65
CA PHE A 39 -8.40 6.91 -8.15
C PHE A 39 -7.41 5.82 -7.73
N VAL A 40 -6.41 6.27 -7.03
CA VAL A 40 -5.47 5.36 -6.27
C VAL A 40 -5.67 5.42 -4.75
N LEU A 41 -5.80 4.26 -4.13
CA LEU A 41 -5.85 4.09 -2.66
C LEU A 41 -4.48 3.79 -2.06
N THR A 42 -4.16 4.49 -0.98
CA THR A 42 -2.85 4.31 -0.36
C THR A 42 -2.97 4.69 1.12
N ALA A 43 -1.89 4.76 1.79
CA ALA A 43 -1.93 5.19 3.23
C ALA A 43 -1.83 6.70 3.36
N ALA A 44 -2.45 7.29 4.36
CA ALA A 44 -2.42 8.70 4.61
C ALA A 44 -1.02 9.18 5.01
N HIS A 45 -0.20 8.30 5.63
CA HIS A 45 1.17 8.70 6.03
C HIS A 45 2.07 8.85 4.80
N CYS A 46 1.61 8.56 3.60
CA CYS A 46 2.28 8.91 2.36
C CYS A 46 1.93 10.25 1.75
N ALA A 47 1.19 11.07 2.44
CA ALA A 47 0.81 12.32 1.88
C ALA A 47 2.03 13.18 1.73
N GLY A 48 1.92 14.15 0.83
CA GLY A 48 2.99 15.14 0.66
C GLY A 48 2.54 16.35 -0.08
N ARG A 49 3.48 17.18 -0.49
CA ARG A 49 3.18 18.39 -1.16
C ARG A 49 2.60 18.05 -2.54
N SER A 50 3.21 17.11 -3.21
CA SER A 50 2.72 16.59 -4.47
C SER A 50 3.12 15.14 -4.68
N ILE A 51 2.37 14.37 -5.52
CA ILE A 51 2.69 12.98 -5.69
C ILE A 51 2.57 12.67 -7.18
N THR A 52 3.47 11.86 -7.73
CA THR A 52 3.39 11.33 -9.08
C THR A 52 3.17 9.81 -8.93
N VAL A 53 2.31 9.26 -9.73
CA VAL A 53 2.00 7.86 -9.75
C VAL A 53 2.59 7.23 -11.02
N THR A 54 3.31 6.12 -10.86
CA THR A 54 3.63 5.26 -12.04
C THR A 54 2.80 4.00 -11.99
N LEU A 55 2.06 3.81 -13.04
CA LEU A 55 1.40 2.55 -13.27
C LEU A 55 2.15 1.76 -14.32
N GLY A 56 1.96 0.44 -14.27
CA GLY A 56 2.40 -0.48 -15.34
C GLY A 56 3.88 -0.90 -15.24
N ALA A 57 4.44 -0.66 -14.07
CA ALA A 57 5.87 -0.90 -13.86
C ALA A 57 6.15 -2.25 -13.25
N HIS A 58 7.33 -2.78 -13.52
CA HIS A 58 7.90 -3.93 -12.80
C HIS A 58 9.26 -3.51 -12.17
N ASN A 59 10.28 -3.35 -13.05
CA ASN A 59 11.51 -2.77 -12.74
C ASN A 59 11.38 -1.30 -12.92
N ILE A 60 11.36 -0.62 -11.78
CA ILE A 60 11.03 0.75 -11.71
C ILE A 60 12.17 1.61 -12.22
N THR A 61 13.34 1.06 -12.49
CA THR A 61 14.41 1.80 -13.04
C THR A 61 14.50 1.66 -14.55
N GLU A 62 13.64 0.88 -15.16
CA GLU A 62 13.74 0.59 -16.60
C GLU A 62 12.44 0.98 -17.28
N GLU A 63 12.47 2.11 -17.92
CA GLU A 63 11.30 2.65 -18.50
C GLU A 63 10.80 1.74 -19.63
N GLU A 64 9.51 1.59 -19.74
CA GLU A 64 8.97 0.73 -20.84
C GLU A 64 7.64 1.24 -21.36
N ASP A 65 7.17 0.68 -22.49
CA ASP A 65 5.92 1.15 -23.04
C ASP A 65 4.71 0.95 -22.14
N THR A 66 4.77 -0.07 -21.26
CA THR A 66 3.65 -0.24 -20.27
C THR A 66 3.49 0.88 -19.29
N TRP A 67 4.57 1.70 -19.08
CA TRP A 67 4.46 2.76 -18.07
C TRP A 67 3.36 3.77 -18.40
N GLN A 68 2.63 4.19 -17.36
CA GLN A 68 1.77 5.34 -17.44
C GLN A 68 2.15 6.17 -16.23
N LYS A 69 2.72 7.31 -16.44
CA LYS A 69 3.10 8.26 -15.36
C LYS A 69 2.05 9.29 -15.24
N LEU A 70 1.35 9.37 -14.13
CA LEU A 70 0.22 10.28 -14.02
C LEU A 70 0.37 11.23 -12.88
N GLU A 71 -0.16 12.43 -13.10
CA GLU A 71 -0.20 13.44 -12.10
C GLU A 71 -1.41 13.26 -11.17
N VAL A 72 -1.17 13.52 -9.89
CA VAL A 72 -2.23 13.56 -8.92
C VAL A 72 -2.69 14.97 -8.78
N ILE A 73 -3.97 15.20 -8.93
CA ILE A 73 -4.46 16.57 -8.76
C ILE A 73 -4.87 16.93 -7.36
N LYS A 74 -5.34 16.01 -6.55
CA LYS A 74 -5.79 16.26 -5.24
C LYS A 74 -5.63 15.02 -4.37
N GLN A 75 -5.25 15.22 -3.13
CA GLN A 75 -5.07 14.17 -2.15
C GLN A 75 -6.27 14.24 -1.21
N PHE A 76 -6.97 13.16 -0.95
CA PHE A 76 -8.08 13.15 0.06
C PHE A 76 -7.63 12.22 1.19
N ARG A 77 -7.15 12.80 2.23
CA ARG A 77 -6.75 12.08 3.43
C ARG A 77 -7.96 11.91 4.34
N HIS A 78 -8.09 10.79 5.05
CA HIS A 78 -9.17 10.58 5.91
C HIS A 78 -9.17 11.72 6.94
N PRO A 79 -10.31 12.34 7.17
CA PRO A 79 -10.40 13.48 8.14
C PRO A 79 -10.01 13.14 9.55
N LYS A 80 -10.02 11.85 9.97
CA LYS A 80 -9.68 11.55 11.38
C LYS A 80 -8.31 10.98 11.51
N TYR A 81 -7.54 11.00 10.42
CA TYR A 81 -6.17 10.54 10.44
C TYR A 81 -5.44 11.05 11.66
N ASN A 82 -4.77 10.20 12.42
CA ASN A 82 -4.27 10.58 13.72
C ASN A 82 -2.90 10.10 13.84
N THR A 83 -1.96 11.01 13.98
CA THR A 83 -0.56 10.56 14.08
C THR A 83 -0.19 10.19 15.54
N SER A 84 -1.10 10.35 16.50
CA SER A 84 -0.78 9.95 17.86
C SER A 84 -1.09 8.48 18.02
N THR A 85 -2.32 8.10 17.70
CA THR A 85 -2.79 6.75 17.78
C THR A 85 -2.55 5.92 16.54
N LEU A 86 -2.09 6.56 15.42
CA LEU A 86 -1.95 5.94 14.14
C LEU A 86 -3.23 5.33 13.51
N HIS A 87 -4.40 5.83 13.88
CA HIS A 87 -5.65 5.39 13.28
C HIS A 87 -5.95 6.03 11.95
N HIS A 88 -6.83 5.39 11.17
CA HIS A 88 -7.45 5.97 9.99
C HIS A 88 -6.35 6.39 8.99
N ASP A 89 -5.46 5.47 8.77
CA ASP A 89 -4.30 5.70 7.95
C ASP A 89 -4.72 5.33 6.52
N ILE A 90 -5.43 6.21 5.84
CA ILE A 90 -5.95 5.83 4.52
C ILE A 90 -6.20 7.13 3.71
N MET A 91 -5.97 7.10 2.40
CA MET A 91 -5.99 8.29 1.54
C MET A 91 -6.31 7.86 0.13
N LEU A 92 -7.18 8.64 -0.47
CA LEU A 92 -7.44 8.46 -1.91
C LEU A 92 -6.71 9.56 -2.71
N LEU A 93 -6.21 9.17 -3.84
CA LEU A 93 -5.55 10.17 -4.77
C LEU A 93 -6.27 10.23 -6.04
N LYS A 94 -6.81 11.41 -6.41
CA LYS A 94 -7.45 11.69 -7.63
C LYS A 94 -6.44 11.98 -8.72
N LEU A 95 -6.47 11.15 -9.74
CA LEU A 95 -5.59 11.35 -10.94
C LEU A 95 -6.18 12.36 -11.91
N LYS A 96 -5.27 13.13 -12.51
CA LYS A 96 -5.59 14.17 -13.47
C LYS A 96 -6.29 13.55 -14.69
N GLU A 97 -5.90 12.37 -15.13
CA GLU A 97 -6.59 11.66 -16.23
C GLU A 97 -6.99 10.29 -15.79
N LYS A 98 -7.87 9.68 -16.57
CA LYS A 98 -8.18 8.29 -16.38
C LYS A 98 -7.08 7.44 -17.00
N ALA A 99 -6.59 6.45 -16.27
CA ALA A 99 -5.62 5.53 -16.86
C ALA A 99 -6.13 4.69 -17.98
N SER A 100 -5.27 4.34 -18.88
CA SER A 100 -5.59 3.36 -19.96
C SER A 100 -5.60 2.00 -19.33
N LEU A 101 -6.47 1.14 -19.78
CA LEU A 101 -6.55 -0.25 -19.41
C LEU A 101 -5.77 -1.06 -20.42
N THR A 102 -4.77 -1.79 -19.97
CA THR A 102 -3.88 -2.50 -20.90
C THR A 102 -3.67 -3.81 -20.17
N LEU A 103 -2.82 -4.62 -20.72
CA LEU A 103 -2.46 -5.84 -19.98
C LEU A 103 -1.66 -5.60 -18.71
N ALA A 104 -0.97 -4.47 -18.62
CA ALA A 104 -0.16 -4.15 -17.52
C ALA A 104 -0.77 -3.24 -16.48
N VAL A 105 -1.94 -2.66 -16.81
CA VAL A 105 -2.63 -1.69 -15.96
C VAL A 105 -4.16 -2.01 -15.92
N GLY A 106 -4.67 -2.16 -14.70
CA GLY A 106 -6.03 -2.48 -14.50
C GLY A 106 -6.44 -2.19 -13.05
N THR A 107 -7.73 -2.12 -12.81
CA THR A 107 -8.21 -1.82 -11.46
C THR A 107 -8.42 -3.07 -10.63
N LEU A 108 -8.47 -2.88 -9.33
CA LEU A 108 -8.85 -3.96 -8.44
C LEU A 108 -10.20 -3.55 -7.77
N PRO A 109 -11.32 -4.14 -8.14
CA PRO A 109 -12.66 -3.66 -7.62
C PRO A 109 -12.86 -4.30 -6.28
N PHE A 110 -13.91 -4.00 -5.49
CA PHE A 110 -14.07 -4.71 -4.13
C PHE A 110 -14.74 -6.10 -4.01
N PRO A 119 -9.13 -14.49 10.70
CA PRO A 119 -7.79 -14.97 11.25
C PRO A 119 -7.52 -16.35 10.76
N GLY A 120 -6.27 -16.80 10.68
CA GLY A 120 -5.86 -18.05 10.04
C GLY A 120 -5.55 -18.10 8.50
N ARG A 121 -6.17 -17.25 7.69
CA ARG A 121 -6.03 -17.28 6.22
C ARG A 121 -4.70 -16.63 5.67
N MET A 122 -4.24 -17.13 4.54
CA MET A 122 -2.99 -16.68 3.95
C MET A 122 -3.33 -15.57 2.99
N CYS A 123 -2.65 -14.44 3.07
CA CYS A 123 -2.86 -13.33 2.11
C CYS A 123 -1.54 -12.89 1.55
N ARG A 124 -1.53 -12.08 0.48
CA ARG A 124 -0.32 -11.70 -0.25
C ARG A 124 -0.25 -10.15 -0.24
N VAL A 125 0.95 -9.61 0.00
CA VAL A 125 1.22 -8.20 -0.13
C VAL A 125 2.42 -8.07 -1.12
N ALA A 126 2.44 -6.96 -1.79
CA ALA A 126 3.42 -6.67 -2.83
C ALA A 126 3.94 -5.20 -2.71
N GLY A 127 5.15 -4.93 -3.14
CA GLY A 127 5.73 -3.64 -3.03
C GLY A 127 7.17 -3.59 -3.55
N TRP A 128 7.61 -2.33 -3.71
CA TRP A 128 8.97 -2.03 -4.14
C TRP A 128 9.85 -1.59 -2.95
N GLY A 129 9.40 -1.83 -1.73
CA GLY A 129 10.11 -1.42 -0.56
C GLY A 129 11.40 -2.14 -0.25
N ARG A 130 12.03 -1.74 0.85
CA ARG A 130 13.30 -2.30 1.24
C ARG A 130 13.13 -3.80 1.43
N THR A 131 14.13 -4.52 1.06
CA THR A 131 14.16 -5.99 1.24
C THR A 131 14.87 -6.41 2.51
N GLY A 132 15.25 -5.47 3.35
CA GLY A 132 15.96 -5.78 4.54
C GLY A 132 16.01 -4.50 5.32
N VAL A 133 16.29 -4.66 6.61
CA VAL A 133 16.32 -3.57 7.54
C VAL A 133 17.28 -2.52 7.06
N LEU A 134 18.47 -2.92 6.68
CA LEU A 134 19.44 -2.00 6.16
C LEU A 134 19.68 -2.08 4.68
N LYS A 135 18.65 -2.36 3.88
CA LYS A 135 18.83 -2.56 2.43
C LYS A 135 18.04 -1.49 1.68
N PRO A 136 18.44 -1.17 0.44
CA PRO A 136 17.65 -0.25 -0.35
C PRO A 136 16.32 -0.88 -0.79
N GLY A 137 15.50 -0.03 -1.34
CA GLY A 137 14.33 -0.45 -2.02
C GLY A 137 14.66 -1.34 -3.15
N SER A 138 13.73 -2.21 -3.48
CA SER A 138 13.92 -3.16 -4.53
C SER A 138 13.63 -2.46 -5.85
N ASP A 139 14.39 -2.79 -6.89
CA ASP A 139 14.11 -2.35 -8.23
C ASP A 139 12.86 -2.97 -8.81
N THR A 140 12.56 -4.21 -8.44
CA THR A 140 11.49 -4.98 -9.01
C THR A 140 10.42 -5.20 -7.94
N LEU A 141 9.19 -5.28 -8.42
CA LEU A 141 8.09 -5.59 -7.56
C LEU A 141 8.26 -6.93 -6.93
N GLN A 142 8.19 -6.96 -5.60
CA GLN A 142 8.31 -8.17 -4.79
C GLN A 142 7.02 -8.48 -4.09
N GLU A 143 6.82 -9.72 -3.73
CA GLU A 143 5.66 -10.13 -2.99
C GLU A 143 5.94 -11.26 -2.00
N VAL A 144 5.00 -11.42 -1.07
CA VAL A 144 5.20 -12.33 0.03
C VAL A 144 3.81 -12.74 0.47
N LYS A 145 3.71 -13.95 0.93
CA LYS A 145 2.51 -14.41 1.65
C LYS A 145 2.67 -14.37 3.14
N LEU A 146 1.60 -13.90 3.77
CA LEU A 146 1.56 -13.59 5.20
C LEU A 146 0.27 -14.14 5.82
N ARG A 147 0.38 -14.59 7.07
CA ARG A 147 -0.73 -15.14 7.75
C ARG A 147 -1.49 -14.03 8.44
N LEU A 148 -2.79 -14.03 8.29
CA LEU A 148 -3.68 -13.22 9.17
C LEU A 148 -3.69 -13.79 10.61
N MET A 149 -3.42 -12.98 11.64
CA MET A 149 -3.33 -13.39 13.01
C MET A 149 -4.56 -12.95 13.81
N ASP A 150 -4.82 -13.70 14.87
CA ASP A 150 -5.74 -13.22 15.87
C ASP A 150 -5.31 -11.84 16.42
N PRO A 151 -6.28 -11.01 16.81
CA PRO A 151 -5.89 -9.69 17.30
C PRO A 151 -4.95 -9.70 18.53
N GLN A 152 -5.00 -10.75 19.32
CA GLN A 152 -4.10 -10.88 20.45
C GLN A 152 -2.62 -10.79 20.13
N ALA A 153 -2.24 -11.26 18.94
CA ALA A 153 -0.89 -11.23 18.50
C ALA A 153 -0.34 -9.78 18.26
N CYS A 154 -1.21 -8.79 18.13
CA CYS A 154 -0.82 -7.41 18.05
C CYS A 154 -1.03 -6.55 19.29
N SER A 155 -1.18 -7.23 20.44
CA SER A 155 -1.48 -6.50 21.69
C SER A 155 -0.39 -5.42 22.01
N HIS A 156 0.88 -5.78 21.77
CA HIS A 156 2.03 -4.97 22.11
C HIS A 156 2.00 -3.65 21.37
N PHE A 157 1.22 -3.50 20.26
CA PHE A 157 0.97 -2.21 19.72
C PHE A 157 -0.23 -1.61 20.48
N ARG A 158 0.01 -0.63 21.31
CA ARG A 158 -0.94 -0.27 22.32
C ARG A 158 -2.20 0.35 21.80
N ASP A 159 -2.11 0.95 20.64
CA ASP A 159 -3.20 1.57 20.01
C ASP A 159 -3.81 0.75 18.87
N PHE A 160 -3.43 -0.52 18.76
CA PHE A 160 -4.07 -1.37 17.85
C PHE A 160 -5.52 -1.59 18.28
N ASP A 161 -6.38 -1.67 17.27
CA ASP A 161 -7.84 -1.81 17.47
C ASP A 161 -8.40 -2.73 16.33
N HIS A 162 -8.79 -3.93 16.70
CA HIS A 162 -9.21 -5.00 15.84
C HIS A 162 -10.39 -4.55 14.87
N ASN A 163 -11.22 -3.61 15.30
CA ASN A 163 -12.28 -3.12 14.43
C ASN A 163 -11.77 -2.37 13.23
N LEU A 164 -10.66 -1.69 13.41
CA LEU A 164 -10.14 -0.77 12.40
C LEU A 164 -8.98 -1.38 11.60
N GLN A 165 -8.33 -2.39 12.20
CA GLN A 165 -7.10 -2.88 11.70
C GLN A 165 -6.97 -4.40 11.73
N LEU A 166 -6.09 -4.89 10.83
CA LEU A 166 -5.74 -6.27 10.69
C LEU A 166 -4.36 -6.46 11.32
N CYS A 167 -4.22 -7.58 11.98
CA CYS A 167 -2.94 -8.06 12.52
C CYS A 167 -2.28 -9.13 11.63
N VAL A 168 -1.19 -8.77 11.01
CA VAL A 168 -0.71 -9.54 9.84
C VAL A 168 0.71 -10.00 9.96
N GLY A 169 0.88 -11.31 9.92
CA GLY A 169 2.18 -11.89 9.87
C GLY A 169 2.54 -12.76 11.07
N ASN A 170 3.01 -14.00 10.80
CA ASN A 170 3.31 -14.96 11.84
C ASN A 170 4.63 -14.53 12.51
N PRO A 171 4.61 -14.32 13.80
CA PRO A 171 5.89 -13.93 14.49
C PRO A 171 7.03 -14.89 14.36
N ARG A 172 6.78 -16.18 14.07
CA ARG A 172 7.81 -17.20 13.88
C ARG A 172 8.55 -17.14 12.56
N LYS A 173 8.13 -16.27 11.67
CA LYS A 173 8.75 -16.12 10.38
C LYS A 173 9.31 -14.71 10.17
N THR A 174 10.17 -14.53 9.21
CA THR A 174 10.74 -13.17 9.01
C THR A 174 10.07 -12.36 7.86
N LYS A 175 9.05 -12.95 7.26
CA LYS A 175 8.36 -12.30 6.17
C LYS A 175 7.59 -11.05 6.65
N SER A 176 7.79 -9.93 5.96
CA SER A 176 7.19 -8.65 6.33
C SER A 176 7.23 -7.60 5.20
N ALA A 177 6.25 -6.72 5.20
CA ALA A 177 6.37 -5.45 4.51
C ALA A 177 7.33 -4.56 5.32
N PHE A 178 7.94 -3.61 4.63
CA PHE A 178 8.81 -2.66 5.25
C PHE A 178 8.70 -1.28 4.61
N LYS A 179 9.62 -0.39 4.94
CA LYS A 179 9.67 0.93 4.33
C LYS A 179 9.61 0.90 2.84
N GLY A 180 8.80 1.77 2.28
CA GLY A 180 8.50 1.87 0.86
C GLY A 180 7.39 1.01 0.45
N ASP A 181 6.94 0.04 1.29
CA ASP A 181 5.76 -0.74 0.97
C ASP A 181 4.41 -0.20 1.50
N SER A 182 4.45 0.84 2.34
CA SER A 182 3.29 1.60 2.75
C SER A 182 2.27 1.73 1.70
N GLY A 183 0.99 1.52 2.04
CA GLY A 183 -0.09 1.71 1.05
C GLY A 183 -0.46 0.57 0.13
N GLY A 184 0.39 -0.47 0.10
CA GLY A 184 0.15 -1.60 -0.73
C GLY A 184 -0.99 -2.45 -0.20
N PRO A 185 -1.72 -3.09 -1.09
CA PRO A 185 -2.83 -3.92 -0.75
C PRO A 185 -2.44 -5.30 -0.22
N LEU A 186 -3.13 -5.72 0.77
CA LEU A 186 -3.13 -7.07 1.27
C LEU A 186 -4.31 -7.80 0.54
N LEU A 187 -4.01 -8.80 -0.25
CA LEU A 187 -5.02 -9.53 -0.99
C LEU A 187 -5.25 -10.84 -0.40
N CYS A 188 -6.50 -11.18 -0.13
CA CYS A 188 -6.87 -12.51 0.41
C CYS A 188 -7.92 -13.01 -0.60
N ALA A 189 -7.61 -14.12 -1.31
CA ALA A 189 -8.55 -14.73 -2.34
C ALA A 189 -8.95 -13.71 -3.36
N GLY A 190 -7.96 -12.97 -3.80
CA GLY A 190 -8.09 -11.94 -4.82
C GLY A 190 -8.80 -10.67 -4.45
N VAL A 191 -9.21 -10.50 -3.20
CA VAL A 191 -9.87 -9.25 -2.79
C VAL A 191 -8.92 -8.43 -1.92
N ALA A 192 -8.81 -7.14 -2.16
CA ALA A 192 -8.11 -6.23 -1.25
C ALA A 192 -8.83 -6.15 0.14
N GLN A 193 -8.22 -6.63 1.23
CA GLN A 193 -8.77 -6.61 2.57
C GLN A 193 -8.03 -5.58 3.51
N GLY A 194 -6.83 -5.15 3.16
CA GLY A 194 -6.04 -4.26 3.97
C GLY A 194 -5.08 -3.43 3.16
N ILE A 195 -4.45 -2.49 3.84
CA ILE A 195 -3.35 -1.60 3.32
C ILE A 195 -2.27 -1.65 4.37
N VAL A 196 -1.03 -1.72 3.96
CA VAL A 196 0.08 -1.70 4.80
C VAL A 196 0.08 -0.37 5.59
N SER A 197 0.15 -0.46 6.90
CA SER A 197 0.19 0.74 7.69
C SER A 197 1.43 0.94 8.49
N TYR A 198 1.70 0.11 9.53
CA TYR A 198 2.91 0.28 10.35
C TYR A 198 3.33 -0.98 11.04
N GLY A 199 4.56 -0.96 11.50
CA GLY A 199 4.99 -2.04 12.36
C GLY A 199 6.20 -1.64 13.13
N ARG A 200 6.90 -2.63 13.66
CA ARG A 200 8.15 -2.37 14.42
C ARG A 200 9.29 -1.91 13.55
N SER A 201 10.13 -1.05 14.15
CA SER A 201 11.26 -0.56 13.39
C SER A 201 12.27 -1.68 13.10
N ASP A 202 12.29 -2.79 13.87
CA ASP A 202 13.10 -3.95 13.45
C ASP A 202 12.42 -5.01 12.51
N ALA A 203 11.25 -4.74 12.04
CA ALA A 203 10.52 -5.65 11.20
C ALA A 203 10.02 -6.95 11.76
N LYS A 204 10.14 -7.17 13.04
CA LYS A 204 9.66 -8.40 13.57
C LYS A 204 8.14 -8.43 13.47
N PRO A 205 7.58 -9.43 12.78
CA PRO A 205 6.15 -9.47 12.73
C PRO A 205 5.45 -9.79 14.04
N PRO A 206 4.15 -9.54 14.16
CA PRO A 206 3.25 -9.03 13.14
C PRO A 206 3.31 -7.48 12.91
N ALA A 207 2.65 -7.03 11.86
CA ALA A 207 2.50 -5.65 11.45
C ALA A 207 1.00 -5.32 11.43
N VAL A 208 0.67 -4.05 11.39
CA VAL A 208 -0.69 -3.57 11.47
C VAL A 208 -1.07 -3.03 10.10
N PHE A 209 -2.19 -3.52 9.63
CA PHE A 209 -2.70 -3.13 8.27
C PHE A 209 -4.05 -2.43 8.52
N THR A 210 -4.36 -1.46 7.72
CA THR A 210 -5.71 -0.82 7.75
C THR A 210 -6.76 -1.79 7.23
N ARG A 211 -7.91 -1.92 7.91
CA ARG A 211 -8.96 -2.81 7.55
C ARG A 211 -9.92 -2.10 6.57
N ILE A 212 -9.79 -2.41 5.32
CA ILE A 212 -10.51 -1.68 4.28
C ILE A 212 -12.04 -1.64 4.48
N SER A 213 -12.66 -2.68 4.99
CA SER A 213 -14.06 -2.79 5.07
C SER A 213 -14.69 -1.75 6.00
N HIS A 214 -13.99 -1.37 7.06
CA HIS A 214 -14.47 -0.33 7.91
C HIS A 214 -14.62 1.01 7.19
N TYR A 215 -13.81 1.29 6.16
CA TYR A 215 -13.82 2.60 5.46
C TYR A 215 -14.58 2.62 4.18
N ARG A 216 -15.20 1.52 3.79
CA ARG A 216 -16.05 1.54 2.57
C ARG A 216 -17.05 2.72 2.48
N PRO A 217 -17.82 2.96 3.53
CA PRO A 217 -18.73 4.13 3.38
C PRO A 217 -17.92 5.41 2.96
N TRP A 218 -16.74 5.66 3.59
CA TRP A 218 -15.97 6.91 3.36
C TRP A 218 -15.39 6.92 1.94
N ILE A 219 -14.88 5.78 1.47
CA ILE A 219 -14.46 5.59 0.07
C ILE A 219 -15.58 5.91 -0.89
N ASN A 220 -16.75 5.34 -0.65
CA ASN A 220 -17.88 5.60 -1.55
C ASN A 220 -18.28 7.06 -1.65
N GLN A 221 -18.21 7.74 -0.54
CA GLN A 221 -18.59 9.16 -0.54
C GLN A 221 -17.61 10.07 -1.34
N ILE A 222 -16.31 9.80 -1.23
CA ILE A 222 -15.38 10.50 -2.06
C ILE A 222 -15.56 10.15 -3.53
N LEU A 223 -15.63 8.88 -3.86
CA LEU A 223 -15.75 8.46 -5.25
C LEU A 223 -17.08 8.99 -5.82
N GLN A 224 -18.13 9.11 -5.07
CA GLN A 224 -19.37 9.58 -5.71
C GLN A 224 -19.42 11.09 -5.96
N ALA A 225 -18.72 11.89 -5.17
CA ALA A 225 -18.74 13.31 -5.22
C ALA A 225 -17.61 13.85 -6.03
N ASN A 226 -16.82 12.99 -6.66
CA ASN A 226 -15.70 13.41 -7.56
C ASN A 226 -15.79 12.57 -8.77
C1 NAG B . 16.29 -3.38 -13.48
C2 NAG B . 17.20 -4.58 -13.43
C3 NAG B . 18.64 -4.13 -13.43
C4 NAG B . 18.90 -3.34 -14.70
C5 NAG B . 17.96 -2.11 -14.71
C6 NAG B . 18.19 -1.10 -15.80
C7 NAG B . 16.61 -6.36 -11.85
C8 NAG B . 16.04 -7.30 -12.87
N2 NAG B . 17.07 -5.16 -12.11
O3 NAG B . 19.43 -5.32 -13.25
O4 NAG B . 20.18 -2.84 -14.50
O5 NAG B . 16.60 -2.62 -14.69
O6 NAG B . 17.90 -1.95 -16.93
O7 NAG B . 16.66 -6.67 -10.66
C1 NAG C . -5.90 11.61 18.12
C2 NAG C . -6.65 12.92 18.27
C3 NAG C . -6.42 13.37 19.76
C4 NAG C . -7.09 12.34 20.69
C5 NAG C . -6.37 11.01 20.41
C6 NAG C . -6.77 9.90 21.40
C7 NAG C . -5.01 14.38 17.05
C8 NAG C . -4.88 15.43 15.97
N2 NAG C . -6.27 13.97 17.24
O3 NAG C . -6.94 14.68 19.91
O4 NAG C . -7.14 12.70 22.08
O5 NAG C . -6.57 10.63 18.98
O6 NAG C . -8.11 9.62 20.99
O7 NAG C . -4.04 13.93 17.71
ZN ZN D . 7.00 -5.05 -19.25
C1 8W3 E . 7.11 3.53 6.72
O2 8W3 E . 7.60 3.43 5.61
CL2 8W3 E . 4.67 -3.40 7.78
C9 8W3 E . 5.81 -2.29 8.21
C10 8W3 E . 5.99 -1.13 7.45
C8 8W3 E . 6.58 -2.58 9.32
C7 8W3 E . 7.54 -1.67 9.69
C6 8W3 E . 7.78 -0.49 8.96
O23 8W3 E . 8.66 0.53 9.23
C24 8W3 E . 9.55 0.49 10.34
C5 8W3 E . 7.01 -0.26 7.83
C4 8W3 E . 7.29 0.97 7.04
C3 8W3 E . 6.68 2.28 7.47
C11 8W3 E . 5.21 2.20 7.90
N12 8W3 E . 4.56 3.27 8.58
C13 8W3 E . 5.08 4.45 9.03
N14 8W3 E . 4.38 5.31 9.61
O62 8W3 E . 3.06 4.84 9.85
C63 8W3 E . 2.14 5.71 10.34
C68 8W3 E . 2.39 7.06 10.64
C67 8W3 E . 1.33 7.87 11.11
C66 8W3 E . 0.02 7.37 11.19
C65 8W3 E . -0.21 6.03 10.88
C64 8W3 E . 0.83 5.23 10.41
C15 8W3 E . 6.52 4.81 8.80
N16 8W3 E . 6.89 4.76 7.37
C17 8W3 E . 7.08 6.01 6.77
O18 8W3 E . 6.88 7.02 7.37
N19 8W3 E . 7.39 6.08 5.50
C20 8W3 E . 7.65 7.32 4.78
C30 8W3 E . 6.33 7.72 4.10
C35 8W3 E . 6.49 8.13 2.70
C21 8W3 E . 8.93 6.88 4.14
C25 8W3 E . 9.02 6.16 2.91
C26 8W3 E . 10.24 5.71 2.40
N57 8W3 E . 10.25 5.09 1.17
C29 8W3 E . 10.11 7.04 4.89
C28 8W3 E . 11.34 6.57 4.42
C27 8W3 E . 11.44 5.91 3.17
C31 8W3 E . 12.82 5.44 2.73
O32 8W3 E . 13.85 5.66 3.47
O33 8W3 E . 12.93 4.85 1.61
#